data_7EE2
#
_entry.id   7EE2
#
_cell.length_a   47.801
_cell.length_b   64.902
_cell.length_c   84.310
_cell.angle_alpha   90.000
_cell.angle_beta   90.000
_cell.angle_gamma   90.000
#
_symmetry.space_group_name_H-M   'P 21 21 21'
#
loop_
_entity.id
_entity.type
_entity.pdbx_description
1 polymer 'glycoside hydrolase family 12 beta-1,3-1,4-glucanase'
2 non-polymer GLYCEROL
3 water water
#
_entity_poly.entity_id   1
_entity_poly.type   'polypeptide(L)'
_entity_poly.pdbx_seq_one_letter_code
;LDKRQQVTLCEQYGYWSGNGYEINNNLWGRDSATSGWQCSYLDGSSDSGIQWHTTWEWQGGQHDVKSYVYSGKQFPRGQR
ITSINSMQTSVSWYYDTTNVRANVAYDIFTAADPNHVNSSGDYELMIWLAKYGDVQPIGSPVGTVHVNGRNWELWIGMNG
NMKVFSFIAPSPLNSWSGEVKEFFNYLQYNQGYPAGDQHLIVFQMGTEAFTGGPATMTVSHFSANIY
;
_entity_poly.pdbx_strand_id   A
#
# COMPACT_ATOMS: atom_id res chain seq x y z
CA GLN A 5 -20.77 7.05 3.71
C GLN A 5 -21.11 6.71 5.15
N GLN A 6 -20.80 5.47 5.55
CA GLN A 6 -21.17 4.98 6.88
C GLN A 6 -20.32 5.59 7.99
N VAL A 7 -19.04 5.85 7.73
CA VAL A 7 -18.10 6.37 8.72
C VAL A 7 -17.19 7.38 8.03
N THR A 8 -16.88 8.48 8.72
CA THR A 8 -16.03 9.54 8.20
C THR A 8 -14.85 9.75 9.14
N LEU A 9 -13.63 9.71 8.61
CA LEU A 9 -12.40 9.83 9.38
C LEU A 9 -11.58 10.98 8.81
N CYS A 10 -11.56 12.12 9.49
CA CYS A 10 -10.77 13.26 9.03
C CYS A 10 -9.56 13.57 9.89
N GLU A 11 -9.45 12.99 11.09
CA GLU A 11 -8.31 13.28 11.94
C GLU A 11 -7.10 12.46 11.51
N GLN A 12 -5.91 12.97 11.81
CA GLN A 12 -4.69 12.20 11.60
C GLN A 12 -4.76 10.92 12.41
N TYR A 13 -4.62 9.79 11.73
CA TYR A 13 -4.72 8.46 12.32
C TYR A 13 -6.14 8.09 12.75
N GLY A 14 -7.14 8.79 12.26
CA GLY A 14 -8.52 8.34 12.46
C GLY A 14 -8.69 6.92 11.95
N TYR A 15 -9.41 6.11 12.71
CA TYR A 15 -9.33 4.67 12.53
C TYR A 15 -10.70 4.03 12.64
N TRP A 16 -10.95 3.04 11.78
CA TRP A 16 -12.14 2.19 11.83
C TRP A 16 -11.72 0.76 11.60
N SER A 17 -12.40 -0.17 12.26
CA SER A 17 -12.14 -1.59 12.15
C SER A 17 -13.46 -2.34 12.10
N GLY A 18 -13.52 -3.38 11.27
CA GLY A 18 -14.70 -4.21 11.17
C GLY A 18 -14.55 -5.30 10.13
N ASN A 19 -15.15 -6.46 10.38
CA ASN A 19 -15.19 -7.55 9.40
C ASN A 19 -13.81 -8.05 8.98
N GLY A 20 -12.80 -7.85 9.84
CA GLY A 20 -11.46 -8.29 9.49
C GLY A 20 -10.68 -7.30 8.65
N TYR A 21 -11.19 -6.08 8.51
CA TYR A 21 -10.57 -5.01 7.73
C TYR A 21 -10.46 -3.77 8.60
N GLU A 22 -9.66 -2.82 8.16
CA GLU A 22 -9.53 -1.56 8.87
C GLU A 22 -9.23 -0.46 7.87
N ILE A 23 -9.55 0.77 8.27
CA ILE A 23 -9.16 1.97 7.52
C ILE A 23 -8.41 2.90 8.47
N ASN A 24 -7.32 3.48 7.99
CA ASN A 24 -6.54 4.44 8.75
C ASN A 24 -6.36 5.69 7.90
N ASN A 25 -6.88 6.83 8.38
CA ASN A 25 -6.64 8.14 7.77
C ASN A 25 -5.22 8.57 8.13
N ASN A 26 -4.26 7.94 7.47
CA ASN A 26 -2.86 7.85 7.90
C ASN A 26 -2.07 9.04 7.32
N LEU A 27 -2.34 10.22 7.90
CA LEU A 27 -1.74 11.47 7.41
C LEU A 27 -0.36 11.69 8.04
N TRP A 28 0.55 10.72 7.84
CA TRP A 28 1.79 10.72 8.60
C TRP A 28 2.71 11.87 8.23
N GLY A 29 2.61 12.38 7.01
CA GLY A 29 3.54 13.39 6.54
C GLY A 29 2.93 14.78 6.40
N ARG A 30 1.82 15.03 7.09
CA ARG A 30 1.08 16.26 6.86
C ARG A 30 1.86 17.52 7.24
N ASP A 31 2.83 17.41 8.15
CA ASP A 31 3.62 18.59 8.50
C ASP A 31 4.47 19.09 7.35
N SER A 32 4.73 18.25 6.35
CA SER A 32 5.48 18.63 5.17
C SER A 32 4.70 19.57 4.26
N ALA A 33 3.39 19.68 4.43
CA ALA A 33 2.55 20.47 3.55
C ALA A 33 2.46 21.91 4.05
N THR A 34 2.29 22.83 3.11
CA THR A 34 1.99 24.21 3.49
C THR A 34 0.50 24.42 3.72
N SER A 35 -0.35 23.59 3.13
CA SER A 35 -1.79 23.63 3.36
C SER A 35 -2.38 22.29 2.93
N GLY A 36 -3.58 22.01 3.42
CA GLY A 36 -4.31 20.85 2.94
C GLY A 36 -5.12 20.12 4.00
N TRP A 37 -5.79 19.06 3.58
CA TRP A 37 -6.68 18.30 4.43
C TRP A 37 -6.94 16.96 3.76
N GLN A 38 -7.42 15.99 4.53
CA GLN A 38 -7.77 14.71 3.95
C GLN A 38 -8.70 13.95 4.90
N CYS A 39 -9.74 13.36 4.32
CA CYS A 39 -10.66 12.47 5.02
C CYS A 39 -10.73 11.14 4.29
N SER A 40 -11.02 10.09 5.06
CA SER A 40 -11.28 8.77 4.53
C SER A 40 -12.68 8.36 4.97
N TYR A 41 -13.38 7.61 4.12
CA TYR A 41 -14.79 7.31 4.32
C TYR A 41 -15.03 5.83 4.08
N LEU A 42 -15.80 5.20 4.98
CA LEU A 42 -16.23 3.83 4.80
C LEU A 42 -17.56 3.83 4.08
N ASP A 43 -17.62 3.15 2.93
CA ASP A 43 -18.87 3.03 2.19
C ASP A 43 -19.62 1.75 2.53
N GLY A 44 -18.91 0.68 2.84
CA GLY A 44 -19.54 -0.54 3.29
C GLY A 44 -18.46 -1.57 3.58
N SER A 45 -18.88 -2.62 4.29
CA SER A 45 -17.94 -3.70 4.59
C SER A 45 -18.72 -4.98 4.86
N SER A 46 -18.04 -6.10 4.61
CA SER A 46 -18.53 -7.42 4.97
C SER A 46 -17.31 -8.31 5.12
N ASP A 47 -17.54 -9.56 5.51
CA ASP A 47 -16.42 -10.49 5.65
C ASP A 47 -15.67 -10.70 4.34
N SER A 48 -16.29 -10.38 3.21
CA SER A 48 -15.68 -10.61 1.90
C SER A 48 -14.97 -9.40 1.32
N GLY A 49 -14.98 -8.26 1.99
CA GLY A 49 -14.25 -7.11 1.50
C GLY A 49 -14.86 -5.80 1.96
N ILE A 50 -14.18 -4.73 1.61
CA ILE A 50 -14.52 -3.38 2.07
C ILE A 50 -14.59 -2.45 0.88
N GLN A 51 -15.46 -1.44 0.98
CA GLN A 51 -15.59 -0.37 0.00
C GLN A 51 -15.37 0.95 0.73
N TRP A 52 -14.46 1.77 0.21
CA TRP A 52 -14.10 3.00 0.91
C TRP A 52 -13.61 4.02 -0.10
N HIS A 53 -13.48 5.26 0.35
CA HIS A 53 -12.88 6.29 -0.49
C HIS A 53 -12.18 7.34 0.36
N THR A 54 -11.38 8.16 -0.30
CA THR A 54 -10.68 9.24 0.38
C THR A 54 -10.66 10.47 -0.53
N THR A 55 -10.78 11.64 0.08
CA THR A 55 -10.70 12.91 -0.65
C THR A 55 -9.66 13.79 0.04
N TRP A 56 -8.86 14.49 -0.77
CA TRP A 56 -7.74 15.24 -0.21
C TRP A 56 -7.36 16.39 -1.12
N GLU A 57 -6.73 17.39 -0.51
CA GLU A 57 -5.94 18.39 -1.23
C GLU A 57 -4.71 18.64 -0.38
N TRP A 58 -3.53 18.66 -1.02
CA TRP A 58 -2.28 18.97 -0.33
C TRP A 58 -1.42 19.85 -1.23
N GLN A 59 -0.78 20.86 -0.63
CA GLN A 59 0.14 21.71 -1.35
C GLN A 59 1.43 21.85 -0.57
N GLY A 60 2.51 22.17 -1.28
CA GLY A 60 3.82 22.34 -0.67
C GLY A 60 4.53 21.01 -0.48
N GLY A 61 5.80 21.09 -0.11
CA GLY A 61 6.59 19.89 0.10
C GLY A 61 6.57 18.97 -1.11
N GLN A 62 7.09 19.46 -2.23
CA GLN A 62 6.85 18.85 -3.54
C GLN A 62 7.15 17.34 -3.57
N HIS A 63 8.27 16.93 -2.97
CA HIS A 63 8.71 15.55 -3.06
C HIS A 63 8.35 14.72 -1.84
N ASP A 64 7.51 15.25 -0.95
CA ASP A 64 7.19 14.58 0.31
C ASP A 64 5.79 13.97 0.24
N VAL A 65 5.69 12.71 0.61
CA VAL A 65 4.40 12.07 0.84
C VAL A 65 3.73 12.72 2.04
N LYS A 66 2.50 13.21 1.86
CA LYS A 66 1.76 13.78 2.99
C LYS A 66 0.98 12.72 3.76
N SER A 67 0.61 11.63 3.11
CA SER A 67 -0.28 10.66 3.71
C SER A 67 -0.23 9.39 2.89
N TYR A 68 -0.52 8.27 3.55
CA TYR A 68 -0.81 7.00 2.89
C TYR A 68 -2.05 6.44 3.58
N VAL A 69 -3.21 6.99 3.26
CA VAL A 69 -4.43 6.42 3.82
C VAL A 69 -4.66 5.05 3.21
N TYR A 70 -5.13 4.11 4.03
CA TYR A 70 -5.17 2.73 3.55
C TYR A 70 -6.34 1.97 4.15
N SER A 71 -6.70 0.90 3.45
CA SER A 71 -7.46 -0.19 4.02
C SER A 71 -6.49 -1.34 4.25
N GLY A 72 -6.48 -1.87 5.46
CA GLY A 72 -5.62 -2.99 5.82
C GLY A 72 -6.43 -4.26 5.99
N LYS A 73 -5.85 -5.38 5.59
CA LYS A 73 -6.39 -6.68 5.96
C LYS A 73 -5.81 -7.04 7.32
N GLN A 74 -6.67 -7.41 8.26
CA GLN A 74 -6.21 -7.84 9.57
C GLN A 74 -5.90 -9.33 9.58
N PHE A 75 -4.86 -9.71 10.32
CA PHE A 75 -4.42 -11.10 10.40
C PHE A 75 -3.58 -11.26 11.66
N PRO A 76 -3.47 -12.48 12.19
CA PRO A 76 -2.65 -12.70 13.39
C PRO A 76 -1.17 -12.56 13.09
N ARG A 77 -0.43 -12.03 14.06
CA ARG A 77 1.02 -12.04 13.98
C ARG A 77 1.56 -13.46 14.02
N GLY A 78 2.77 -13.63 13.51
CA GLY A 78 3.51 -14.87 13.63
C GLY A 78 3.55 -15.75 12.39
N GLN A 79 3.04 -15.28 11.25
CA GLN A 79 2.99 -16.09 10.04
C GLN A 79 4.29 -15.92 9.27
N ARG A 80 5.10 -16.97 9.25
CA ARG A 80 6.35 -16.98 8.49
C ARG A 80 6.02 -16.95 6.99
N ILE A 81 6.79 -16.14 6.26
CA ILE A 81 6.45 -15.88 4.85
C ILE A 81 6.45 -17.18 4.04
N THR A 82 7.44 -18.03 4.25
CA THR A 82 7.51 -19.29 3.51
C THR A 82 6.43 -20.27 3.91
N SER A 83 5.84 -20.12 5.10
CA SER A 83 4.75 -20.98 5.53
C SER A 83 3.39 -20.51 5.07
N ILE A 84 3.26 -19.24 4.67
CA ILE A 84 2.01 -18.74 4.15
C ILE A 84 1.77 -19.35 2.78
N ASN A 85 0.59 -19.94 2.60
CA ASN A 85 0.28 -20.59 1.34
C ASN A 85 -0.28 -19.61 0.31
N SER A 86 -1.03 -18.62 0.76
CA SER A 86 -1.64 -17.67 -0.15
C SER A 86 -1.74 -16.31 0.51
N MET A 87 -1.42 -15.27 -0.27
CA MET A 87 -1.72 -13.89 0.04
C MET A 87 -2.49 -13.32 -1.13
N GLN A 88 -3.67 -13.87 -1.37
CA GLN A 88 -4.49 -13.44 -2.49
C GLN A 88 -5.15 -12.11 -2.17
N THR A 89 -5.29 -11.27 -3.19
CA THR A 89 -5.92 -9.97 -2.98
C THR A 89 -6.55 -9.52 -4.28
N SER A 90 -7.63 -8.75 -4.15
CA SER A 90 -8.32 -8.15 -5.29
C SER A 90 -8.68 -6.71 -4.92
N VAL A 91 -8.50 -5.80 -5.87
CA VAL A 91 -8.88 -4.41 -5.67
C VAL A 91 -9.41 -3.83 -6.97
N SER A 92 -10.41 -2.95 -6.86
CA SER A 92 -10.87 -2.11 -7.96
C SER A 92 -10.98 -0.70 -7.41
N TRP A 93 -10.37 0.26 -8.10
CA TRP A 93 -10.26 1.63 -7.60
C TRP A 93 -10.22 2.59 -8.80
N TYR A 94 -10.52 3.86 -8.53
CA TYR A 94 -10.36 4.89 -9.55
C TYR A 94 -10.19 6.25 -8.88
N TYR A 95 -9.34 7.08 -9.48
CA TYR A 95 -9.19 8.48 -9.09
C TYR A 95 -10.13 9.32 -9.94
N ASP A 96 -10.72 10.35 -9.34
CA ASP A 96 -11.63 11.21 -10.08
C ASP A 96 -10.91 12.21 -10.98
N THR A 97 -9.61 12.40 -10.79
CA THR A 97 -8.79 13.23 -11.66
C THR A 97 -7.40 12.60 -11.68
N THR A 98 -6.74 12.65 -12.82
CA THR A 98 -5.35 12.26 -12.93
C THR A 98 -4.40 13.43 -12.76
N ASN A 99 -4.94 14.63 -12.56
CA ASN A 99 -4.13 15.84 -12.41
C ASN A 99 -3.69 16.00 -10.96
N VAL A 100 -2.98 14.99 -10.48
CA VAL A 100 -2.45 14.94 -9.12
C VAL A 100 -1.05 14.36 -9.18
N ARG A 101 -0.33 14.51 -8.08
CA ARG A 101 0.94 13.83 -7.86
C ARG A 101 0.73 12.87 -6.71
N ALA A 102 0.64 11.59 -7.03
CA ALA A 102 0.15 10.57 -6.09
C ALA A 102 0.38 9.21 -6.73
N ASN A 103 0.26 8.17 -5.91
CA ASN A 103 0.27 6.81 -6.42
C ASN A 103 -0.87 6.02 -5.81
N VAL A 104 -1.06 4.82 -6.33
CA VAL A 104 -1.95 3.82 -5.74
C VAL A 104 -1.08 2.59 -5.51
N ALA A 105 -1.03 2.11 -4.27
CA ALA A 105 -0.03 1.10 -3.95
C ALA A 105 -0.44 0.22 -2.78
N TYR A 106 -0.04 -1.04 -2.86
CA TYR A 106 0.03 -1.90 -1.69
C TYR A 106 1.30 -1.61 -0.91
N ASP A 107 1.20 -1.67 0.41
CA ASP A 107 2.34 -1.54 1.30
C ASP A 107 2.34 -2.72 2.25
N ILE A 108 3.44 -3.46 2.28
CA ILE A 108 3.54 -4.67 3.07
C ILE A 108 4.88 -4.63 3.79
N PHE A 109 4.86 -4.91 5.09
CA PHE A 109 6.08 -5.01 5.88
C PHE A 109 6.27 -6.45 6.34
N THR A 110 7.52 -6.89 6.40
CA THR A 110 7.86 -8.14 7.05
C THR A 110 9.00 -7.91 8.03
N ALA A 111 9.11 -8.77 9.03
CA ALA A 111 10.21 -8.65 9.99
C ALA A 111 10.55 -10.01 10.56
N ALA A 112 11.82 -10.17 10.95
CA ALA A 112 12.25 -11.38 11.65
C ALA A 112 11.52 -11.52 12.99
N ASP A 113 11.31 -10.39 13.69
CA ASP A 113 10.51 -10.41 14.92
C ASP A 113 9.04 -10.31 14.55
N PRO A 114 8.25 -11.36 14.79
CA PRO A 114 6.84 -11.31 14.40
C PRO A 114 6.04 -10.23 15.11
N ASN A 115 6.55 -9.69 16.20
CA ASN A 115 5.87 -8.66 16.97
C ASN A 115 6.41 -7.25 16.70
N HIS A 116 7.15 -7.08 15.60
CA HIS A 116 7.65 -5.79 15.17
C HIS A 116 6.53 -4.76 15.08
N VAL A 117 6.84 -3.51 15.44
CA VAL A 117 5.85 -2.44 15.29
C VAL A 117 5.37 -2.38 13.84
N ASN A 118 4.10 -2.04 13.65
CA ASN A 118 3.47 -2.17 12.34
C ASN A 118 3.72 -0.98 11.42
N SER A 119 4.55 -0.02 11.83
CA SER A 119 4.86 1.14 11.00
C SER A 119 6.12 0.97 10.19
N SER A 120 6.82 -0.17 10.31
CA SER A 120 8.00 -0.46 9.53
C SER A 120 8.27 -1.96 9.61
N GLY A 121 9.39 -2.40 9.05
CA GLY A 121 9.80 -3.79 9.12
C GLY A 121 11.26 -3.92 8.77
N ASP A 122 11.75 -5.16 8.75
CA ASP A 122 13.06 -5.42 8.17
C ASP A 122 13.03 -5.21 6.67
N TYR A 123 11.88 -5.48 6.04
CA TYR A 123 11.69 -5.35 4.61
C TYR A 123 10.33 -4.73 4.34
N GLU A 124 10.24 -4.01 3.23
CA GLU A 124 9.00 -3.43 2.76
C GLU A 124 8.83 -3.85 1.32
N LEU A 125 7.63 -4.33 0.99
CA LEU A 125 7.26 -4.68 -0.37
C LEU A 125 6.13 -3.74 -0.76
N MET A 126 6.34 -2.97 -1.82
CA MET A 126 5.30 -2.12 -2.38
C MET A 126 4.94 -2.59 -3.79
N ILE A 127 3.65 -2.51 -4.12
CA ILE A 127 3.17 -2.82 -5.45
C ILE A 127 2.39 -1.60 -5.90
N TRP A 128 2.97 -0.83 -6.83
CA TRP A 128 2.37 0.41 -7.31
C TRP A 128 1.50 0.09 -8.52
N LEU A 129 0.18 0.17 -8.33
CA LEU A 129 -0.76 -0.05 -9.42
C LEU A 129 -0.92 1.17 -10.33
N ALA A 130 -0.58 2.36 -9.83
CA ALA A 130 -0.64 3.55 -10.65
C ALA A 130 0.26 4.61 -10.04
N LYS A 131 0.76 5.49 -10.89
CA LYS A 131 1.47 6.66 -10.41
C LYS A 131 1.15 7.84 -11.31
N TYR A 132 0.87 8.97 -10.69
CA TYR A 132 0.48 10.19 -11.39
C TYR A 132 1.52 11.25 -11.10
N GLY A 133 1.97 11.93 -12.15
CA GLY A 133 3.03 12.90 -12.00
C GLY A 133 4.40 12.24 -11.91
N ASP A 134 5.38 13.04 -11.48
CA ASP A 134 6.78 12.64 -11.51
C ASP A 134 7.22 11.89 -10.25
N VAL A 135 6.28 11.36 -9.45
CA VAL A 135 6.65 10.70 -8.20
C VAL A 135 7.35 9.38 -8.48
N GLN A 136 8.30 9.04 -7.61
CA GLN A 136 9.19 7.91 -7.85
C GLN A 136 9.39 7.12 -6.57
N PRO A 137 9.61 5.81 -6.67
CA PRO A 137 9.85 4.99 -5.47
C PRO A 137 11.21 5.28 -4.86
N ILE A 138 11.42 4.72 -3.67
CA ILE A 138 12.71 4.84 -3.03
C ILE A 138 13.76 4.01 -3.77
N GLY A 139 14.96 4.55 -3.87
CA GLY A 139 16.07 3.81 -4.44
C GLY A 139 16.21 4.02 -5.93
N SER A 140 16.53 2.95 -6.65
CA SER A 140 16.74 3.04 -8.09
C SER A 140 16.17 1.80 -8.77
N PRO A 141 15.78 1.93 -10.03
CA PRO A 141 15.22 0.79 -10.76
C PRO A 141 16.31 -0.16 -11.21
N VAL A 142 16.02 -1.45 -11.13
CA VAL A 142 16.99 -2.49 -11.49
C VAL A 142 16.56 -3.30 -12.71
N GLY A 143 15.41 -2.99 -13.31
CA GLY A 143 14.98 -3.65 -14.52
C GLY A 143 13.53 -4.11 -14.43
N THR A 144 13.06 -4.66 -15.54
CA THR A 144 11.70 -5.20 -15.64
C THR A 144 11.72 -6.66 -15.27
N VAL A 145 10.76 -7.08 -14.45
CA VAL A 145 10.63 -8.44 -13.98
C VAL A 145 9.21 -8.93 -14.24
N HIS A 146 9.09 -10.23 -14.49
CA HIS A 146 7.80 -10.86 -14.77
C HIS A 146 7.38 -11.61 -13.51
N VAL A 147 6.29 -11.16 -12.89
CA VAL A 147 5.80 -11.71 -11.62
C VAL A 147 4.30 -11.82 -11.68
N ASN A 148 3.77 -13.02 -11.42
CA ASN A 148 2.33 -13.21 -11.27
C ASN A 148 1.59 -12.80 -12.55
N GLY A 149 2.13 -13.22 -13.69
CA GLY A 149 1.48 -13.01 -14.97
C GLY A 149 1.61 -11.62 -15.56
N ARG A 150 2.35 -10.72 -14.91
CA ARG A 150 2.48 -9.34 -15.37
C ARG A 150 3.93 -8.91 -15.28
N ASN A 151 4.23 -7.80 -15.96
CA ASN A 151 5.56 -7.20 -15.92
C ASN A 151 5.56 -5.96 -15.04
N TRP A 152 6.66 -5.76 -14.34
CA TRP A 152 6.82 -4.68 -13.36
C TRP A 152 8.22 -4.13 -13.47
N GLU A 153 8.38 -2.83 -13.25
CA GLU A 153 9.70 -2.28 -13.03
C GLU A 153 10.02 -2.43 -11.53
N LEU A 154 11.14 -3.07 -11.22
CA LEU A 154 11.54 -3.32 -9.84
C LEU A 154 12.50 -2.23 -9.37
N TRP A 155 12.16 -1.56 -8.28
CA TRP A 155 13.03 -0.59 -7.62
C TRP A 155 13.49 -1.17 -6.29
N ILE A 156 14.75 -0.89 -5.92
CA ILE A 156 15.31 -1.35 -4.67
C ILE A 156 15.93 -0.15 -3.97
N GLY A 157 15.54 0.08 -2.71
CA GLY A 157 16.06 1.18 -1.92
C GLY A 157 16.23 0.76 -0.47
N MET A 158 16.76 1.70 0.32
CA MET A 158 17.08 1.43 1.72
C MET A 158 16.57 2.60 2.56
N ASN A 159 15.75 2.29 3.56
CA ASN A 159 15.24 3.31 4.48
C ASN A 159 15.68 2.89 5.87
N GLY A 160 16.78 3.47 6.35
CA GLY A 160 17.35 3.01 7.61
C GLY A 160 17.81 1.56 7.46
N ASN A 161 17.42 0.73 8.41
CA ASN A 161 17.72 -0.70 8.33
C ASN A 161 16.81 -1.45 7.37
N MET A 162 15.76 -0.81 6.84
CA MET A 162 14.73 -1.51 6.09
C MET A 162 15.02 -1.47 4.60
N LYS A 163 15.06 -2.63 3.97
CA LYS A 163 15.24 -2.71 2.52
C LYS A 163 13.87 -2.74 1.85
N VAL A 164 13.71 -1.92 0.81
CA VAL A 164 12.40 -1.65 0.20
C VAL A 164 12.42 -2.11 -1.26
N PHE A 165 11.49 -3.01 -1.61
CA PHE A 165 11.32 -3.50 -2.97
C PHE A 165 9.99 -2.96 -3.48
N SER A 166 10.02 -2.16 -4.54
CA SER A 166 8.81 -1.59 -5.12
C SER A 166 8.64 -2.10 -6.55
N PHE A 167 7.49 -2.70 -6.82
CA PHE A 167 7.16 -3.24 -8.14
C PHE A 167 6.16 -2.28 -8.77
N ILE A 168 6.51 -1.70 -9.92
CA ILE A 168 5.73 -0.61 -10.54
C ILE A 168 5.07 -1.13 -11.80
N ALA A 169 3.75 -0.99 -11.88
CA ALA A 169 3.03 -1.37 -13.09
C ALA A 169 3.33 -0.37 -14.21
N PRO A 170 3.38 -0.84 -15.46
CA PRO A 170 3.76 0.05 -16.57
C PRO A 170 2.67 1.03 -16.98
N SER A 171 1.43 0.76 -16.60
CA SER A 171 0.32 1.68 -16.81
C SER A 171 -0.70 1.43 -15.72
N PRO A 172 -1.61 2.37 -15.45
CA PRO A 172 -2.51 2.22 -14.31
C PRO A 172 -3.36 0.95 -14.40
N LEU A 173 -3.38 0.19 -13.31
CA LEU A 173 -4.18 -1.03 -13.17
C LEU A 173 -5.30 -0.72 -12.18
N ASN A 174 -6.44 -0.29 -12.72
CA ASN A 174 -7.57 0.08 -11.88
C ASN A 174 -8.24 -1.13 -11.26
N SER A 175 -8.07 -2.31 -11.83
CA SER A 175 -8.59 -3.53 -11.24
C SER A 175 -7.47 -4.55 -11.30
N TRP A 176 -7.17 -5.18 -10.16
CA TRP A 176 -6.05 -6.11 -10.10
C TRP A 176 -6.41 -7.22 -9.12
N SER A 177 -6.18 -8.45 -9.55
CA SER A 177 -6.25 -9.62 -8.69
C SER A 177 -4.88 -10.27 -8.73
N GLY A 178 -4.29 -10.49 -7.56
CA GLY A 178 -2.93 -10.97 -7.52
C GLY A 178 -2.71 -11.93 -6.36
N GLU A 179 -1.62 -12.68 -6.47
CA GLU A 179 -1.14 -13.58 -5.43
C GLU A 179 0.19 -12.98 -4.96
N VAL A 180 0.15 -12.31 -3.80
CA VAL A 180 1.34 -11.59 -3.36
C VAL A 180 2.48 -12.53 -2.97
N LYS A 181 2.20 -13.80 -2.67
CA LYS A 181 3.30 -14.73 -2.43
C LYS A 181 4.23 -14.83 -3.63
N GLU A 182 3.72 -14.59 -4.85
CA GLU A 182 4.57 -14.63 -6.02
C GLU A 182 5.65 -13.55 -5.99
N PHE A 183 5.34 -12.40 -5.38
CA PHE A 183 6.33 -11.34 -5.24
C PHE A 183 7.38 -11.70 -4.19
N PHE A 184 6.96 -12.25 -3.06
CA PHE A 184 7.92 -12.70 -2.07
C PHE A 184 8.78 -13.83 -2.60
N ASN A 185 8.17 -14.76 -3.34
CA ASN A 185 8.93 -15.86 -3.93
C ASN A 185 9.95 -15.35 -4.94
N TYR A 186 9.55 -14.41 -5.80
CA TYR A 186 10.51 -13.81 -6.71
C TYR A 186 11.69 -13.22 -5.92
N LEU A 187 11.38 -12.46 -4.87
CA LEU A 187 12.45 -11.83 -4.09
C LEU A 187 13.33 -12.86 -3.40
N GLN A 188 12.72 -13.94 -2.89
CA GLN A 188 13.48 -14.97 -2.20
C GLN A 188 14.55 -15.57 -3.11
N TYR A 189 14.22 -15.80 -4.37
CA TYR A 189 15.11 -16.55 -5.25
C TYR A 189 15.87 -15.68 -6.24
N ASN A 190 15.61 -14.38 -6.28
CA ASN A 190 16.30 -13.48 -7.19
C ASN A 190 16.97 -12.29 -6.52
N GLN A 191 16.60 -11.96 -5.27
CA GLN A 191 17.13 -10.79 -4.61
C GLN A 191 17.63 -11.10 -3.21
N GLY A 192 17.82 -12.37 -2.87
CA GLY A 192 18.39 -12.69 -1.58
C GLY A 192 17.49 -12.42 -0.39
N TYR A 193 16.19 -12.32 -0.61
CA TYR A 193 15.27 -12.00 0.49
C TYR A 193 15.09 -13.22 1.38
N PRO A 194 15.39 -13.11 2.70
CA PRO A 194 15.40 -14.29 3.60
C PRO A 194 14.00 -14.64 4.10
N ALA A 195 13.17 -15.11 3.16
CA ALA A 195 11.75 -15.33 3.45
C ALA A 195 11.53 -16.30 4.60
N GLY A 196 12.41 -17.30 4.77
CA GLY A 196 12.22 -18.26 5.84
C GLY A 196 12.44 -17.71 7.22
N ASP A 197 13.04 -16.52 7.34
CA ASP A 197 13.28 -15.88 8.62
C ASP A 197 12.39 -14.67 8.83
N GLN A 198 11.40 -14.45 7.98
CA GLN A 198 10.58 -13.26 8.00
C GLN A 198 9.13 -13.61 8.26
N HIS A 199 8.42 -12.68 8.89
CA HIS A 199 7.01 -12.84 9.22
C HIS A 199 6.22 -11.64 8.71
N LEU A 200 4.97 -11.88 8.34
CA LEU A 200 4.14 -10.80 7.82
C LEU A 200 3.72 -9.85 8.94
N ILE A 201 3.87 -8.54 8.72
CA ILE A 201 3.58 -7.50 9.71
C ILE A 201 2.34 -6.69 9.36
N VAL A 202 2.24 -6.19 8.12
CA VAL A 202 1.03 -5.52 7.65
C VAL A 202 0.78 -5.90 6.20
N PHE A 203 -0.48 -5.67 5.76
CA PHE A 203 -0.90 -5.93 4.39
C PHE A 203 -1.96 -4.86 4.06
N GLN A 204 -1.55 -3.81 3.35
CA GLN A 204 -2.36 -2.61 3.18
C GLN A 204 -2.44 -2.21 1.72
N MET A 205 -3.55 -1.57 1.37
CA MET A 205 -3.74 -0.98 0.05
C MET A 205 -4.21 0.46 0.25
N GLY A 206 -3.64 1.39 -0.51
CA GLY A 206 -4.05 2.77 -0.37
C GLY A 206 -3.42 3.66 -1.42
N THR A 207 -3.28 4.94 -1.08
CA THR A 207 -2.72 5.92 -1.99
C THR A 207 -1.75 6.81 -1.24
N GLU A 208 -0.57 7.03 -1.81
CA GLU A 208 0.35 8.03 -1.29
C GLU A 208 0.05 9.34 -2.00
N ALA A 209 -0.35 10.36 -1.24
CA ALA A 209 -0.68 11.66 -1.79
C ALA A 209 0.50 12.61 -1.57
N PHE A 210 0.93 13.28 -2.64
CA PHE A 210 2.01 14.26 -2.57
C PHE A 210 1.44 15.67 -2.66
N THR A 211 0.95 16.08 -3.84
CA THR A 211 0.38 17.41 -4.01
C THR A 211 -0.77 17.34 -5.00
N GLY A 212 -1.60 18.37 -4.96
CA GLY A 212 -2.72 18.54 -5.87
C GLY A 212 -4.04 18.49 -5.14
N GLY A 213 -5.12 18.41 -5.91
CA GLY A 213 -6.43 18.28 -5.35
C GLY A 213 -7.27 19.55 -5.46
N PRO A 214 -8.53 19.49 -5.01
CA PRO A 214 -9.18 18.32 -4.39
C PRO A 214 -9.31 17.13 -5.35
N ALA A 215 -9.03 15.95 -4.81
CA ALA A 215 -9.07 14.71 -5.59
C ALA A 215 -9.60 13.61 -4.71
N THR A 216 -10.24 12.62 -5.34
CA THR A 216 -10.83 11.50 -4.64
C THR A 216 -10.33 10.21 -5.25
N MET A 217 -9.88 9.29 -4.41
CA MET A 217 -9.69 7.90 -4.80
C MET A 217 -10.83 7.08 -4.22
N THR A 218 -11.57 6.38 -5.09
CA THR A 218 -12.65 5.51 -4.67
C THR A 218 -12.22 4.06 -4.85
N VAL A 219 -12.36 3.27 -3.79
CA VAL A 219 -12.06 1.84 -3.84
C VAL A 219 -13.40 1.12 -3.82
N SER A 220 -13.78 0.59 -4.99
CA SER A 220 -15.05 -0.11 -5.13
C SER A 220 -15.04 -1.44 -4.40
N HIS A 221 -13.87 -2.07 -4.30
CA HIS A 221 -13.73 -3.34 -3.62
C HIS A 221 -12.28 -3.50 -3.23
N PHE A 222 -12.03 -3.90 -1.99
CA PHE A 222 -10.73 -4.37 -1.56
C PHE A 222 -10.94 -5.63 -0.72
N SER A 223 -10.22 -6.69 -1.04
CA SER A 223 -10.23 -7.87 -0.20
C SER A 223 -8.87 -8.53 -0.24
N ALA A 224 -8.60 -9.34 0.78
CA ALA A 224 -7.41 -10.18 0.81
C ALA A 224 -7.75 -11.44 1.58
N ASN A 225 -7.04 -12.52 1.25
CA ASN A 225 -7.20 -13.81 1.91
C ASN A 225 -5.81 -14.35 2.18
N ILE A 226 -5.42 -14.37 3.45
CA ILE A 226 -4.08 -14.74 3.87
C ILE A 226 -4.17 -16.01 4.71
N TYR A 227 -3.59 -17.09 4.21
CA TYR A 227 -3.59 -18.35 4.96
C TYR A 227 -2.39 -19.21 4.63
#